data_4EPU
#
_entry.id   4EPU
#
_cell.length_a   80.903
_cell.length_b   80.903
_cell.length_c   186.087
_cell.angle_alpha   90.000
_cell.angle_beta   90.000
_cell.angle_gamma   120.000
#
_symmetry.space_group_name_H-M   'P 64'
#
loop_
_entity.id
_entity.type
_entity.pdbx_description
1 polymer Angiopoietin-1
2 non-polymer 'CALCIUM ION'
3 water water
#
_entity_poly.entity_id   1
_entity_poly.type   'polypeptide(L)'
_entity_poly.pdbx_seq_one_letter_code
;ADPFRDCADVYQAGFNKSGIYTIYINNMPEPKKVFCNMDVNGGGWTVIQHREDGSLDFQRGWKEYKMGFGNPSGEYWLGN
EFIFAITSQRQYMLRIELMDWEGNRAYSQYDRFHIGNEKQNYRLYLKGHTGTAGKQSSLILHGADFSTKDADNDNCMCKC
ALMLTGGWWFDACGPSNLNGMFYTAGQNHGKLNGIKWHYFKGPSYSLRSTTMMIRPLDGGR
;
_entity_poly.pdbx_strand_id   A,B
#
loop_
_chem_comp.id
_chem_comp.type
_chem_comp.name
_chem_comp.formula
CA non-polymer 'CALCIUM ION' 'Ca 2'
#
# COMPACT_ATOMS: atom_id res chain seq x y z
N PHE A 4 -8.23 -0.62 -23.94
CA PHE A 4 -9.35 -0.67 -22.99
C PHE A 4 -9.05 -1.46 -21.73
N ARG A 5 -8.57 -0.76 -20.71
CA ARG A 5 -8.01 -1.40 -19.53
C ARG A 5 -9.02 -1.58 -18.41
N ASP A 6 -10.14 -0.86 -18.51
CA ASP A 6 -11.15 -0.83 -17.46
C ASP A 6 -12.47 -0.25 -17.97
N CYS A 7 -13.50 -0.30 -17.13
CA CYS A 7 -14.82 0.21 -17.51
C CYS A 7 -14.81 1.71 -17.72
N ALA A 8 -13.79 2.38 -17.19
CA ALA A 8 -13.65 3.81 -17.44
C ALA A 8 -13.37 4.00 -18.93
N ASP A 9 -12.39 3.27 -19.45
CA ASP A 9 -12.13 3.29 -20.90
C ASP A 9 -13.38 2.97 -21.69
N VAL A 10 -13.99 1.81 -21.42
CA VAL A 10 -15.26 1.44 -22.04
C VAL A 10 -16.21 2.64 -22.11
N TYR A 11 -16.42 3.31 -20.98
CA TYR A 11 -17.33 4.45 -20.92
C TYR A 11 -16.95 5.60 -21.85
N GLN A 12 -15.67 5.94 -21.88
CA GLN A 12 -15.19 7.08 -22.64
C GLN A 12 -15.21 6.82 -24.15
N ALA A 13 -15.31 5.54 -24.52
CA ALA A 13 -15.45 5.15 -25.91
C ALA A 13 -16.91 5.21 -26.34
N GLY A 14 -17.77 5.69 -25.45
CA GLY A 14 -19.17 5.91 -25.79
C GLY A 14 -20.18 4.87 -25.35
N PHE A 15 -19.71 3.82 -24.67
CA PHE A 15 -20.60 2.78 -24.17
C PHE A 15 -21.16 3.14 -22.78
N ASN A 16 -22.36 3.70 -22.77
CA ASN A 16 -22.92 4.30 -21.55
C ASN A 16 -23.95 3.43 -20.83
N LYS A 17 -24.15 2.20 -21.31
CA LYS A 17 -25.13 1.30 -20.71
C LYS A 17 -24.44 0.28 -19.81
N SER A 18 -24.89 0.20 -18.55
CA SER A 18 -24.35 -0.77 -17.61
C SER A 18 -24.58 -2.18 -18.13
N GLY A 19 -23.68 -3.08 -17.79
CA GLY A 19 -23.80 -4.46 -18.24
C GLY A 19 -22.43 -5.11 -18.33
N ILE A 20 -22.40 -6.31 -18.92
CA ILE A 20 -21.17 -7.06 -19.03
C ILE A 20 -20.32 -6.56 -20.20
N TYR A 21 -19.05 -6.30 -19.93
CA TYR A 21 -18.12 -5.98 -20.99
C TYR A 21 -16.87 -6.82 -20.82
N THR A 22 -16.06 -6.88 -21.86
CA THR A 22 -14.78 -7.56 -21.82
C THR A 22 -13.73 -6.47 -21.77
N ILE A 23 -12.72 -6.64 -20.91
CA ILE A 23 -11.64 -5.67 -20.86
C ILE A 23 -10.30 -6.35 -21.02
N TYR A 24 -9.29 -5.56 -21.39
CA TYR A 24 -7.97 -6.09 -21.66
C TYR A 24 -7.02 -5.48 -20.65
N ILE A 25 -6.64 -6.28 -19.65
CA ILE A 25 -5.85 -5.78 -18.54
C ILE A 25 -4.38 -5.99 -18.80
N ASN A 26 -3.59 -4.93 -18.61
CA ASN A 26 -2.16 -5.01 -18.85
C ASN A 26 -1.54 -6.18 -18.08
N ASN A 27 -0.74 -6.96 -18.77
CA ASN A 27 0.00 -8.08 -18.16
C ASN A 27 -0.84 -9.31 -17.85
N MET A 28 -2.13 -9.28 -18.18
CA MET A 28 -2.96 -10.47 -18.05
C MET A 28 -3.07 -11.18 -19.40
N PRO A 29 -2.82 -12.50 -19.43
CA PRO A 29 -2.74 -13.32 -20.64
C PRO A 29 -4.04 -13.38 -21.43
N GLU A 30 -5.17 -13.39 -20.72
CA GLU A 30 -6.45 -13.46 -21.39
C GLU A 30 -7.32 -12.26 -21.01
N PRO A 31 -8.17 -11.81 -21.95
CA PRO A 31 -9.17 -10.77 -21.67
C PRO A 31 -10.05 -11.21 -20.51
N LYS A 32 -10.84 -10.29 -19.98
CA LYS A 32 -11.66 -10.61 -18.82
C LYS A 32 -13.04 -9.97 -18.89
N LYS A 33 -14.07 -10.75 -18.60
CA LYS A 33 -15.43 -10.23 -18.56
C LYS A 33 -15.65 -9.63 -17.18
N VAL A 34 -16.27 -8.46 -17.14
CA VAL A 34 -16.57 -7.79 -15.88
C VAL A 34 -17.93 -7.15 -16.02
N PHE A 35 -18.56 -6.82 -14.90
CA PHE A 35 -19.73 -5.95 -14.97
C PHE A 35 -19.27 -4.50 -14.87
N CYS A 36 -19.85 -3.64 -15.72
CA CYS A 36 -19.52 -2.23 -15.73
C CYS A 36 -20.71 -1.43 -15.24
N ASN A 37 -20.53 -0.65 -14.17
CA ASN A 37 -21.59 0.22 -13.72
C ASN A 37 -21.36 1.63 -14.27
N MET A 38 -22.26 2.05 -15.15
CA MET A 38 -22.11 3.31 -15.86
C MET A 38 -23.09 4.34 -15.34
N ASP A 39 -23.76 3.99 -14.24
CA ASP A 39 -24.85 4.81 -13.70
C ASP A 39 -24.40 5.67 -12.52
N VAL A 40 -23.78 5.05 -11.53
CA VAL A 40 -23.41 5.77 -10.31
C VAL A 40 -22.39 6.88 -10.56
N ASN A 41 -22.78 8.10 -10.22
CA ASN A 41 -21.86 9.24 -10.19
C ASN A 41 -20.99 9.43 -11.42
N GLY A 42 -21.58 9.30 -12.60
CA GLY A 42 -20.85 9.55 -13.83
C GLY A 42 -20.33 8.28 -14.49
N GLY A 43 -20.60 7.14 -13.86
CA GLY A 43 -20.30 5.83 -14.42
C GLY A 43 -18.82 5.51 -14.51
N GLY A 44 -18.47 4.55 -15.37
CA GLY A 44 -17.09 4.16 -15.58
C GLY A 44 -16.53 3.26 -14.50
N TRP A 45 -17.42 2.63 -13.75
CA TRP A 45 -16.99 1.78 -12.64
C TRP A 45 -16.82 0.33 -13.06
N THR A 46 -15.69 -0.27 -12.69
CA THR A 46 -15.51 -1.71 -12.85
C THR A 46 -15.86 -2.43 -11.55
N VAL A 47 -16.80 -3.37 -11.63
CA VAL A 47 -17.28 -4.08 -10.44
C VAL A 47 -16.33 -5.21 -10.09
N ILE A 48 -15.85 -5.22 -8.85
CA ILE A 48 -14.96 -6.29 -8.43
C ILE A 48 -15.65 -7.31 -7.54
N GLN A 49 -16.85 -6.99 -7.05
CA GLN A 49 -17.69 -7.96 -6.36
C GLN A 49 -19.13 -7.52 -6.33
N HIS A 50 -20.04 -8.48 -6.36
CA HIS A 50 -21.46 -8.18 -6.28
C HIS A 50 -22.25 -9.32 -5.64
N ARG A 51 -23.13 -8.97 -4.71
CA ARG A 51 -24.03 -9.96 -4.12
C ARG A 51 -25.45 -9.41 -3.98
N GLU A 52 -26.44 -10.15 -4.45
CA GLU A 52 -27.83 -9.76 -4.22
C GLU A 52 -28.77 -10.82 -3.64
N ASP A 53 -28.54 -12.09 -3.96
CA ASP A 53 -29.48 -13.14 -3.57
C ASP A 53 -28.93 -14.32 -2.77
N GLY A 54 -27.62 -14.42 -2.64
CA GLY A 54 -27.02 -15.54 -1.93
C GLY A 54 -26.91 -16.82 -2.74
N SER A 55 -27.21 -16.74 -4.04
CA SER A 55 -27.12 -17.88 -4.93
C SER A 55 -25.70 -18.44 -5.03
N LEU A 56 -24.72 -17.56 -4.87
CA LEU A 56 -23.32 -17.96 -5.01
C LEU A 56 -22.62 -18.19 -3.66
N ASP A 57 -21.96 -19.33 -3.54
CA ASP A 57 -21.20 -19.64 -2.33
C ASP A 57 -19.87 -18.89 -2.29
N PHE A 58 -19.59 -18.21 -1.18
CA PHE A 58 -18.37 -17.43 -1.07
C PHE A 58 -17.37 -18.09 -0.16
N GLN A 59 -17.67 -19.30 0.31
CA GLN A 59 -16.75 -20.02 1.19
C GLN A 59 -15.63 -20.71 0.42
N ARG A 60 -14.72 -19.92 -0.16
CA ARG A 60 -13.70 -20.49 -1.04
C ARG A 60 -12.27 -20.31 -0.57
N GLY A 61 -11.37 -21.05 -1.21
CA GLY A 61 -9.96 -21.04 -0.84
C GLY A 61 -9.21 -19.93 -1.56
N TRP A 62 -7.92 -19.82 -1.24
CA TRP A 62 -7.04 -18.79 -1.78
C TRP A 62 -7.06 -18.72 -3.31
N LYS A 63 -6.95 -19.87 -3.96
CA LYS A 63 -6.85 -19.92 -5.42
C LYS A 63 -8.11 -19.42 -6.11
N GLU A 64 -9.27 -19.77 -5.57
CA GLU A 64 -10.51 -19.28 -6.17
C GLU A 64 -10.67 -17.79 -5.92
N TYR A 65 -10.27 -17.34 -4.73
CA TYR A 65 -10.30 -15.91 -4.45
C TYR A 65 -9.30 -15.13 -5.32
N LYS A 66 -8.20 -15.79 -5.68
CA LYS A 66 -7.19 -15.19 -6.54
C LYS A 66 -7.67 -15.06 -7.98
N MET A 67 -8.29 -16.11 -8.49
CA MET A 67 -8.66 -16.15 -9.92
C MET A 67 -10.10 -15.71 -10.19
N GLY A 68 -10.94 -15.71 -9.16
CA GLY A 68 -12.29 -15.21 -9.30
C GLY A 68 -13.30 -16.33 -9.43
N PHE A 69 -14.57 -16.05 -9.14
CA PHE A 69 -15.61 -17.04 -9.24
C PHE A 69 -16.93 -16.34 -9.39
N GLY A 70 -17.94 -17.08 -9.84
CA GLY A 70 -19.25 -16.50 -10.11
C GLY A 70 -19.33 -15.93 -11.52
N ASN A 71 -20.46 -15.31 -11.82
CA ASN A 71 -20.76 -14.85 -13.16
C ASN A 71 -21.10 -13.36 -13.15
N PRO A 72 -20.33 -12.55 -13.90
CA PRO A 72 -20.42 -11.08 -13.95
C PRO A 72 -21.84 -10.57 -14.15
N SER A 73 -22.72 -11.42 -14.65
CA SER A 73 -24.12 -11.03 -14.82
C SER A 73 -24.90 -11.18 -13.51
N GLY A 74 -24.34 -11.92 -12.56
CA GLY A 74 -24.98 -12.08 -11.27
C GLY A 74 -24.04 -11.78 -10.11
N GLU A 75 -24.07 -12.65 -9.10
CA GLU A 75 -23.15 -12.52 -7.98
C GLU A 75 -21.78 -12.99 -8.42
N TYR A 76 -20.74 -12.25 -8.08
CA TYR A 76 -19.38 -12.70 -8.37
C TYR A 76 -18.27 -12.02 -7.56
N TRP A 77 -17.08 -12.59 -7.65
CA TRP A 77 -15.86 -12.01 -7.12
C TRP A 77 -14.89 -11.98 -8.29
N LEU A 78 -14.41 -10.79 -8.65
CA LEU A 78 -13.55 -10.66 -9.82
C LEU A 78 -12.28 -11.49 -9.72
N GLY A 79 -11.73 -11.60 -8.52
CA GLY A 79 -10.47 -12.30 -8.32
C GLY A 79 -9.33 -11.34 -8.00
N ASN A 80 -8.58 -11.64 -6.95
CA ASN A 80 -7.50 -10.76 -6.47
C ASN A 80 -6.41 -10.52 -7.51
N GLU A 81 -6.04 -11.57 -8.24
CA GLU A 81 -5.03 -11.42 -9.27
C GLU A 81 -5.47 -10.35 -10.28
N PHE A 82 -6.75 -10.36 -10.61
CA PHE A 82 -7.31 -9.38 -11.52
C PHE A 82 -7.44 -8.00 -10.89
N ILE A 83 -7.89 -7.95 -9.63
CA ILE A 83 -7.98 -6.67 -8.93
C ILE A 83 -6.59 -6.03 -8.86
N PHE A 84 -5.60 -6.85 -8.53
CA PHE A 84 -4.24 -6.37 -8.48
C PHE A 84 -3.75 -5.83 -9.82
N ALA A 85 -4.00 -6.59 -10.90
CA ALA A 85 -3.56 -6.21 -12.23
C ALA A 85 -4.18 -4.90 -12.69
N ILE A 86 -5.49 -4.78 -12.50
CA ILE A 86 -6.17 -3.52 -12.82
C ILE A 86 -5.63 -2.34 -12.00
N THR A 87 -5.57 -2.49 -10.68
CA THR A 87 -5.21 -1.36 -9.82
C THR A 87 -3.71 -1.05 -9.88
N SER A 88 -2.96 -1.88 -10.58
CA SER A 88 -1.55 -1.62 -10.81
C SER A 88 -1.31 -0.76 -12.05
N GLN A 89 -2.33 -0.59 -12.88
CA GLN A 89 -2.20 0.08 -14.17
C GLN A 89 -2.16 1.58 -14.03
N ARG A 90 -2.96 2.06 -13.08
CA ARG A 90 -3.13 3.47 -12.77
C ARG A 90 -3.77 3.60 -11.40
N GLN A 91 -3.89 4.83 -10.91
CA GLN A 91 -4.44 5.06 -9.59
C GLN A 91 -5.95 4.98 -9.59
N TYR A 92 -6.50 4.15 -8.71
CA TYR A 92 -7.94 3.91 -8.67
C TYR A 92 -8.57 4.38 -7.36
N MET A 93 -9.85 4.70 -7.43
CA MET A 93 -10.63 4.93 -6.23
C MET A 93 -11.59 3.74 -6.08
N LEU A 94 -12.05 3.50 -4.86
CA LEU A 94 -12.97 2.39 -4.60
C LEU A 94 -14.28 2.93 -4.03
N ARG A 95 -15.39 2.43 -4.55
CA ARG A 95 -16.70 2.79 -4.02
C ARG A 95 -17.44 1.52 -3.71
N ILE A 96 -18.17 1.54 -2.60
CA ILE A 96 -18.89 0.36 -2.16
C ILE A 96 -20.34 0.74 -1.95
N GLU A 97 -21.22 0.07 -2.68
CA GLU A 97 -22.67 0.30 -2.60
C GLU A 97 -23.30 -0.75 -1.70
N LEU A 98 -24.11 -0.31 -0.74
CA LEU A 98 -24.68 -1.21 0.24
C LEU A 98 -26.16 -0.97 0.37
N MET A 99 -26.92 -2.03 0.58
CA MET A 99 -28.34 -1.92 0.88
C MET A 99 -28.72 -2.85 2.03
N ASP A 100 -29.54 -2.36 2.96
CA ASP A 100 -30.03 -3.22 4.04
C ASP A 100 -31.34 -3.88 3.60
N TRP A 101 -32.04 -4.51 4.54
CA TRP A 101 -33.29 -5.20 4.23
C TRP A 101 -34.51 -4.32 4.47
N GLU A 102 -34.28 -3.04 4.76
CA GLU A 102 -35.36 -2.09 5.04
C GLU A 102 -35.46 -0.99 4.00
N GLY A 103 -34.84 -1.18 2.85
CA GLY A 103 -34.94 -0.22 1.75
C GLY A 103 -33.87 0.87 1.69
N ASN A 104 -32.97 0.90 2.68
CA ASN A 104 -31.96 1.94 2.72
C ASN A 104 -30.68 1.58 1.99
N ARG A 105 -30.26 2.48 1.09
CA ARG A 105 -29.00 2.31 0.38
C ARG A 105 -27.96 3.28 0.95
N ALA A 106 -26.71 2.84 1.00
CA ALA A 106 -25.64 3.70 1.47
C ALA A 106 -24.39 3.38 0.68
N TYR A 107 -23.34 4.19 0.82
CA TYR A 107 -22.09 3.90 0.15
C TYR A 107 -20.90 4.33 0.99
N SER A 108 -19.78 3.65 0.83
CA SER A 108 -18.50 4.11 1.33
C SER A 108 -17.61 4.34 0.13
N GLN A 109 -16.72 5.33 0.22
CA GLN A 109 -15.86 5.64 -0.91
C GLN A 109 -14.47 5.98 -0.42
N TYR A 110 -13.46 5.56 -1.17
CA TYR A 110 -12.06 5.74 -0.82
C TYR A 110 -11.33 6.41 -1.96
N ASP A 111 -10.66 7.53 -1.66
CA ASP A 111 -9.95 8.29 -2.70
C ASP A 111 -8.86 7.46 -3.36
N ARG A 112 -8.16 6.65 -2.57
N ARG A 112 -7.77 6.88 -2.88
CA ARG A 112 -7.09 5.82 -3.13
CA ARG A 112 -7.00 5.90 -3.67
C ARG A 112 -7.22 4.36 -2.71
C ARG A 112 -6.84 4.56 -2.95
N PHE A 113 -7.07 3.47 -3.66
CA PHE A 113 -7.18 2.05 -3.37
C PHE A 113 -6.11 1.30 -4.12
N HIS A 114 -5.36 0.46 -3.42
CA HIS A 114 -4.79 -0.68 -4.12
C HIS A 114 -4.47 -1.82 -3.17
N ILE A 115 -3.99 -2.91 -3.76
CA ILE A 115 -3.61 -4.08 -3.01
C ILE A 115 -2.26 -4.51 -3.52
N GLY A 116 -1.49 -5.17 -2.66
CA GLY A 116 -0.21 -5.72 -3.06
C GLY A 116 -0.38 -6.91 -3.97
N ASN A 117 0.73 -7.46 -4.44
CA ASN A 117 0.71 -8.65 -5.27
C ASN A 117 0.50 -9.89 -4.42
N GLU A 118 0.42 -11.05 -5.06
CA GLU A 118 0.13 -12.28 -4.33
C GLU A 118 1.19 -12.57 -3.26
N LYS A 119 2.43 -12.23 -3.54
CA LYS A 119 3.50 -12.44 -2.56
C LYS A 119 3.35 -11.49 -1.36
N GLN A 120 2.62 -10.41 -1.56
CA GLN A 120 2.29 -9.53 -0.45
C GLN A 120 0.92 -9.87 0.12
N ASN A 121 0.42 -11.07 -0.21
CA ASN A 121 -0.87 -11.54 0.28
C ASN A 121 -2.01 -10.58 -0.08
N TYR A 122 -1.89 -9.93 -1.23
CA TYR A 122 -2.90 -8.98 -1.69
C TYR A 122 -3.30 -7.96 -0.63
N ARG A 123 -2.30 -7.48 0.12
CA ARG A 123 -2.53 -6.58 1.23
C ARG A 123 -3.25 -5.30 0.80
N LEU A 124 -4.20 -4.88 1.60
CA LEU A 124 -5.05 -3.77 1.25
C LEU A 124 -4.49 -2.46 1.79
N TYR A 125 -4.40 -1.42 0.97
N TYR A 125 -4.55 -1.43 0.94
CA TYR A 125 -4.15 -0.09 1.54
CA TYR A 125 -4.11 -0.07 1.25
C TYR A 125 -5.09 0.93 0.90
C TYR A 125 -5.19 0.94 0.82
N LEU A 126 -5.76 1.68 1.76
CA LEU A 126 -6.76 2.67 1.39
C LEU A 126 -6.42 4.02 2.01
N LYS A 127 -6.99 5.08 1.43
CA LYS A 127 -6.92 6.39 2.06
C LYS A 127 -8.14 7.19 1.65
N GLY A 128 -8.66 8.02 2.56
CA GLY A 128 -9.64 9.00 2.20
C GLY A 128 -11.06 8.49 2.14
N HIS A 129 -11.58 8.06 3.28
CA HIS A 129 -12.91 7.47 3.37
C HIS A 129 -14.03 8.52 3.49
N THR A 130 -15.02 8.45 2.60
CA THR A 130 -16.18 9.32 2.71
C THR A 130 -17.44 8.49 2.50
N GLY A 131 -18.61 9.09 2.68
CA GLY A 131 -19.83 8.38 2.36
C GLY A 131 -20.92 8.39 3.40
N THR A 132 -22.01 7.70 3.09
CA THR A 132 -23.17 7.64 3.96
C THR A 132 -23.29 6.28 4.69
N ALA A 133 -22.26 5.44 4.58
CA ALA A 133 -22.29 4.11 5.19
C ALA A 133 -21.39 4.06 6.40
N GLY A 134 -21.41 5.15 7.17
CA GLY A 134 -20.64 5.23 8.39
C GLY A 134 -19.61 6.35 8.33
N LYS A 135 -19.46 7.05 9.46
CA LYS A 135 -18.49 8.14 9.58
C LYS A 135 -17.07 7.62 9.61
N GLN A 136 -16.88 6.41 10.11
CA GLN A 136 -15.56 5.76 10.06
C GLN A 136 -15.63 4.64 9.03
N SER A 137 -14.48 4.23 8.49
CA SER A 137 -14.42 3.17 7.49
C SER A 137 -14.60 1.78 8.10
N SER A 138 -15.48 0.95 7.54
CA SER A 138 -15.64 -0.40 8.07
C SER A 138 -14.56 -1.32 7.51
N LEU A 139 -13.82 -0.87 6.50
CA LEU A 139 -12.65 -1.60 6.06
C LEU A 139 -11.42 -0.98 6.69
N ILE A 140 -10.58 -1.80 7.31
CA ILE A 140 -9.29 -1.32 7.78
C ILE A 140 -8.51 -0.59 6.67
N LEU A 141 -8.04 0.62 6.96
CA LEU A 141 -7.28 1.37 5.97
C LEU A 141 -5.83 1.03 6.11
N HIS A 142 -5.45 0.78 7.36
CA HIS A 142 -4.06 0.77 7.79
C HIS A 142 -3.20 -0.47 7.49
N GLY A 143 -3.74 -1.46 6.78
CA GLY A 143 -2.97 -2.64 6.49
C GLY A 143 -3.48 -3.97 7.04
N ALA A 144 -4.02 -4.78 6.15
CA ALA A 144 -4.32 -6.17 6.46
C ALA A 144 -4.13 -6.98 5.19
N ASP A 145 -3.49 -8.14 5.29
CA ASP A 145 -3.42 -9.08 4.18
C ASP A 145 -4.81 -9.61 3.84
N PHE A 146 -4.93 -10.28 2.70
CA PHE A 146 -6.17 -11.00 2.41
C PHE A 146 -6.05 -12.39 3.05
N SER A 147 -7.16 -12.90 3.60
CA SER A 147 -7.15 -14.20 4.24
C SER A 147 -8.31 -15.07 3.76
N THR A 148 -8.09 -16.37 3.75
CA THR A 148 -9.10 -17.36 3.40
C THR A 148 -8.97 -18.54 4.35
N LYS A 149 -9.92 -19.47 4.28
CA LYS A 149 -9.91 -20.65 5.14
C LYS A 149 -8.58 -21.42 5.07
N ASP A 150 -7.90 -21.33 3.93
CA ASP A 150 -6.64 -22.04 3.77
C ASP A 150 -5.43 -21.14 3.74
N ALA A 151 -5.61 -19.86 4.11
CA ALA A 151 -4.50 -18.91 4.16
C ALA A 151 -4.74 -17.91 5.28
N ASP A 152 -4.07 -18.16 6.40
CA ASP A 152 -4.32 -17.46 7.63
C ASP A 152 -3.38 -16.28 7.74
N ASN A 153 -3.73 -15.18 7.07
CA ASN A 153 -2.84 -14.02 6.97
C ASN A 153 -3.30 -12.82 7.78
N ASP A 154 -4.30 -13.01 8.64
CA ASP A 154 -4.90 -11.88 9.32
C ASP A 154 -4.05 -11.39 10.49
N ASN A 155 -4.53 -10.34 11.16
CA ASN A 155 -3.80 -9.73 12.28
C ASN A 155 -4.25 -10.30 13.62
N CYS A 156 -4.86 -11.49 13.57
CA CYS A 156 -5.43 -12.11 14.75
C CYS A 156 -4.63 -13.32 15.18
N MET A 157 -4.69 -13.67 16.45
CA MET A 157 -4.19 -14.97 16.89
C MET A 157 -5.18 -16.05 16.43
N CYS A 158 -6.46 -15.67 16.38
CA CYS A 158 -7.54 -16.54 15.91
C CYS A 158 -7.49 -16.72 14.39
N LYS A 159 -8.45 -17.44 13.83
CA LYS A 159 -8.54 -17.58 12.39
C LYS A 159 -9.84 -16.98 11.84
N CYS A 160 -9.74 -15.73 11.40
CA CYS A 160 -10.92 -14.94 11.08
C CYS A 160 -11.75 -15.56 9.96
N ALA A 161 -11.09 -16.15 8.98
CA ALA A 161 -11.80 -16.73 7.85
C ALA A 161 -12.60 -17.94 8.30
N LEU A 162 -12.04 -18.71 9.22
CA LEU A 162 -12.77 -19.84 9.77
C LEU A 162 -13.95 -19.34 10.60
N MET A 163 -13.75 -18.30 11.39
CA MET A 163 -14.83 -17.79 12.23
C MET A 163 -15.94 -17.09 11.45
N LEU A 164 -15.56 -16.23 10.51
CA LEU A 164 -16.55 -15.45 9.75
C LEU A 164 -16.89 -16.01 8.36
N THR A 165 -16.01 -16.83 7.81
CA THR A 165 -16.18 -17.45 6.49
C THR A 165 -15.74 -16.50 5.36
N GLY A 166 -15.51 -17.03 4.18
CA GLY A 166 -15.20 -16.21 3.02
C GLY A 166 -13.74 -15.79 2.95
N GLY A 167 -13.48 -14.80 2.11
CA GLY A 167 -12.15 -14.26 1.92
C GLY A 167 -12.30 -12.77 2.09
N TRP A 168 -11.41 -12.16 2.88
CA TRP A 168 -11.51 -10.73 3.18
C TRP A 168 -10.18 -10.22 3.70
N TRP A 169 -10.05 -8.90 3.79
CA TRP A 169 -8.91 -8.29 4.46
C TRP A 169 -9.27 -8.20 5.93
N PHE A 170 -9.28 -9.34 6.62
CA PHE A 170 -9.62 -9.38 8.03
C PHE A 170 -8.54 -8.75 8.87
N ASP A 171 -8.96 -8.03 9.90
CA ASP A 171 -8.06 -7.50 10.91
C ASP A 171 -8.01 -8.52 12.04
N ALA A 172 -8.59 -8.18 13.18
CA ALA A 172 -8.79 -9.17 14.24
C ALA A 172 -10.16 -9.07 14.91
N CYS A 173 -11.23 -9.31 14.18
CA CYS A 173 -11.22 -9.60 12.75
C CYS A 173 -11.64 -8.38 11.92
N GLY A 174 -11.97 -7.26 12.57
CA GLY A 174 -12.20 -6.02 11.85
C GLY A 174 -13.66 -5.72 11.62
N PRO A 175 -13.98 -4.50 11.14
CA PRO A 175 -15.39 -4.07 11.10
C PRO A 175 -16.14 -4.39 9.81
N SER A 176 -15.69 -5.37 9.03
CA SER A 176 -16.43 -5.72 7.83
C SER A 176 -16.17 -7.12 7.31
N ASN A 177 -17.11 -7.60 6.49
CA ASN A 177 -16.88 -8.78 5.66
C ASN A 177 -17.99 -8.89 4.62
N LEU A 178 -17.79 -8.28 3.45
CA LEU A 178 -18.83 -8.33 2.45
C LEU A 178 -18.91 -9.70 1.76
N ASN A 179 -17.93 -10.56 2.05
CA ASN A 179 -17.91 -11.94 1.53
C ASN A 179 -18.29 -13.04 2.56
N GLY A 180 -19.07 -12.66 3.56
CA GLY A 180 -19.55 -13.58 4.57
C GLY A 180 -20.81 -14.31 4.14
N MET A 181 -21.50 -14.95 5.08
CA MET A 181 -22.70 -15.75 4.75
C MET A 181 -23.85 -14.85 4.38
N PHE A 182 -24.47 -15.13 3.25
CA PHE A 182 -25.70 -14.45 2.88
C PHE A 182 -26.87 -15.02 3.71
N TYR A 183 -27.56 -14.13 4.42
CA TYR A 183 -28.73 -14.47 5.18
C TYR A 183 -29.95 -13.74 4.64
N THR A 184 -31.01 -14.48 4.34
CA THR A 184 -32.31 -13.92 3.99
C THR A 184 -32.93 -13.16 5.16
N ALA A 185 -32.70 -13.68 6.36
CA ALA A 185 -33.32 -13.20 7.59
C ALA A 185 -32.37 -12.29 8.36
N GLY A 186 -31.53 -11.57 7.62
CA GLY A 186 -30.45 -10.78 8.19
C GLY A 186 -30.85 -9.69 9.16
N GLN A 187 -31.96 -8.99 8.90
CA GLN A 187 -32.32 -7.85 9.76
C GLN A 187 -32.38 -8.16 11.25
N ASN A 188 -33.36 -8.97 11.64
CA ASN A 188 -33.60 -9.23 13.06
C ASN A 188 -32.95 -10.54 13.54
N HIS A 189 -32.30 -11.24 12.62
CA HIS A 189 -31.68 -12.51 13.00
C HIS A 189 -30.24 -12.68 12.56
N GLY A 190 -29.67 -13.79 13.00
CA GLY A 190 -28.24 -14.04 12.94
C GLY A 190 -27.77 -14.07 11.50
N LYS A 191 -26.46 -13.89 11.32
CA LYS A 191 -25.49 -13.98 12.40
C LYS A 191 -24.23 -13.14 12.20
N LEU A 192 -23.39 -13.13 13.23
CA LEU A 192 -22.12 -12.43 13.26
C LEU A 192 -21.23 -12.78 12.05
N ASN A 193 -21.50 -13.92 11.43
CA ASN A 193 -20.73 -14.39 10.27
C ASN A 193 -21.34 -13.96 8.93
N GLY A 194 -22.29 -13.03 9.00
CA GLY A 194 -22.98 -12.50 7.84
C GLY A 194 -22.25 -11.40 7.08
N ILE A 195 -22.95 -10.79 6.14
CA ILE A 195 -22.40 -9.78 5.25
C ILE A 195 -22.49 -8.46 5.99
N LYS A 196 -21.36 -8.05 6.58
CA LYS A 196 -21.41 -6.97 7.56
C LYS A 196 -20.53 -5.78 7.23
N TRP A 197 -20.98 -4.62 7.71
CA TRP A 197 -20.31 -3.35 7.54
C TRP A 197 -20.65 -2.58 8.82
N HIS A 198 -19.78 -2.69 9.82
CA HIS A 198 -20.13 -2.27 11.19
C HIS A 198 -20.65 -0.85 11.37
N TYR A 199 -20.05 0.11 10.66
CA TYR A 199 -20.38 1.51 10.90
C TYR A 199 -21.64 1.93 10.17
N PHE A 200 -22.20 1.03 9.38
CA PHE A 200 -23.47 1.32 8.73
C PHE A 200 -24.64 0.66 9.47
N LYS A 201 -24.57 -0.65 9.66
CA LYS A 201 -25.68 -1.38 10.29
C LYS A 201 -25.30 -2.15 11.55
N GLY A 202 -24.02 -2.24 11.84
CA GLY A 202 -23.57 -2.99 13.00
C GLY A 202 -23.02 -4.37 12.68
N PRO A 203 -22.41 -5.03 13.68
CA PRO A 203 -21.76 -6.32 13.51
C PRO A 203 -22.71 -7.51 13.40
N SER A 204 -23.98 -7.36 13.79
CA SER A 204 -24.91 -8.49 13.77
C SER A 204 -25.94 -8.42 12.65
N TYR A 205 -25.85 -7.38 11.83
CA TYR A 205 -26.79 -7.19 10.74
C TYR A 205 -26.19 -7.68 9.42
N SER A 206 -26.87 -8.61 8.76
CA SER A 206 -26.41 -9.11 7.47
C SER A 206 -27.14 -8.40 6.35
N LEU A 207 -26.36 -7.80 5.43
CA LEU A 207 -26.87 -6.89 4.42
C LEU A 207 -27.56 -7.61 3.25
N ARG A 208 -28.39 -6.86 2.52
CA ARG A 208 -29.19 -7.40 1.43
C ARG A 208 -28.44 -7.45 0.10
N SER A 209 -27.69 -6.40 -0.22
CA SER A 209 -26.86 -6.41 -1.42
C SER A 209 -25.61 -5.57 -1.26
N THR A 210 -24.57 -5.95 -2.00
CA THR A 210 -23.31 -5.26 -1.97
C THR A 210 -22.74 -5.17 -3.39
N THR A 211 -22.10 -4.04 -3.68
CA THR A 211 -21.29 -3.91 -4.90
C THR A 211 -20.00 -3.16 -4.62
N MET A 212 -18.86 -3.81 -4.85
CA MET A 212 -17.57 -3.13 -4.78
C MET A 212 -17.08 -2.80 -6.19
N MET A 213 -16.78 -1.54 -6.43
CA MET A 213 -16.43 -1.14 -7.78
C MET A 213 -15.35 -0.08 -7.78
N ILE A 214 -14.57 -0.02 -8.85
CA ILE A 214 -13.40 0.85 -8.89
C ILE A 214 -13.35 1.68 -10.16
N ARG A 215 -12.63 2.79 -10.11
CA ARG A 215 -12.41 3.60 -11.30
C ARG A 215 -11.24 4.56 -11.08
N PRO A 216 -10.60 4.99 -12.18
CA PRO A 216 -9.43 5.86 -12.12
C PRO A 216 -9.75 7.19 -11.45
N LEU A 217 -8.77 7.76 -10.76
CA LEU A 217 -8.90 9.09 -10.17
C LEU A 217 -9.41 10.16 -11.15
N ASP A 218 -9.02 10.05 -12.42
CA ASP A 218 -9.37 11.01 -13.46
C ASP A 218 -8.34 12.13 -13.53
N PHE B 4 19.64 -15.19 -4.84
CA PHE B 4 20.05 -14.11 -3.92
C PHE B 4 19.35 -12.79 -4.23
N ARG B 5 18.23 -12.57 -3.58
CA ARG B 5 17.34 -11.47 -3.94
C ARG B 5 17.58 -10.23 -3.10
N ASP B 6 18.30 -10.39 -2.00
CA ASP B 6 18.50 -9.31 -1.03
C ASP B 6 19.63 -9.64 -0.05
N CYS B 7 19.99 -8.67 0.78
CA CYS B 7 21.08 -8.86 1.74
C CYS B 7 20.75 -9.91 2.78
N ALA B 8 19.46 -10.22 2.93
CA ALA B 8 19.07 -11.28 3.84
C ALA B 8 19.61 -12.59 3.28
N ASP B 9 19.33 -12.86 2.01
CA ASP B 9 19.91 -14.02 1.34
C ASP B 9 21.42 -14.06 1.47
N VAL B 10 22.09 -13.00 1.04
CA VAL B 10 23.53 -12.86 1.21
C VAL B 10 23.95 -13.33 2.62
N TYR B 11 23.30 -12.81 3.65
CA TYR B 11 23.65 -13.16 5.03
C TYR B 11 23.52 -14.65 5.35
N GLN B 12 22.42 -15.25 4.90
CA GLN B 12 22.13 -16.65 5.21
C GLN B 12 23.05 -17.61 4.47
N ALA B 13 23.70 -17.12 3.42
CA ALA B 13 24.67 -17.89 2.68
C ALA B 13 26.05 -17.82 3.36
N GLY B 14 26.10 -17.16 4.51
CA GLY B 14 27.31 -17.14 5.32
C GLY B 14 28.17 -15.90 5.25
N PHE B 15 27.75 -14.91 4.46
CA PHE B 15 28.49 -13.66 4.35
C PHE B 15 28.06 -12.66 5.43
N ASN B 16 28.83 -12.61 6.51
CA ASN B 16 28.42 -11.88 7.72
C ASN B 16 29.10 -10.52 7.90
N LYS B 17 29.88 -10.10 6.90
CA LYS B 17 30.58 -8.83 6.97
C LYS B 17 29.87 -7.75 6.17
N SER B 18 29.55 -6.63 6.83
CA SER B 18 28.90 -5.51 6.16
C SER B 18 29.80 -5.00 5.03
N GLY B 19 29.17 -4.49 3.97
CA GLY B 19 29.92 -3.99 2.83
C GLY B 19 29.10 -4.08 1.56
N ILE B 20 29.75 -3.83 0.43
CA ILE B 20 29.07 -3.84 -0.85
C ILE B 20 28.89 -5.26 -1.37
N TYR B 21 27.67 -5.60 -1.77
CA TYR B 21 27.41 -6.87 -2.42
C TYR B 21 26.60 -6.61 -3.67
N THR B 22 26.55 -7.61 -4.53
CA THR B 22 25.73 -7.56 -5.73
C THR B 22 24.55 -8.48 -5.46
N ILE B 23 23.34 -8.04 -5.82
CA ILE B 23 22.17 -8.89 -5.66
C ILE B 23 21.41 -9.01 -6.96
N TYR B 24 20.60 -10.06 -7.06
CA TYR B 24 19.86 -10.35 -8.28
C TYR B 24 18.38 -10.24 -7.97
N ILE B 25 17.78 -9.13 -8.40
CA ILE B 25 16.41 -8.81 -8.03
C ILE B 25 15.46 -9.32 -9.09
N ASN B 26 14.44 -10.05 -8.66
CA ASN B 26 13.46 -10.60 -9.58
C ASN B 26 12.91 -9.52 -10.51
N ASN B 27 12.89 -9.81 -11.80
CA ASN B 27 12.30 -8.92 -12.80
C ASN B 27 13.17 -7.71 -13.16
N MET B 28 14.34 -7.59 -12.56
CA MET B 28 15.28 -6.55 -12.95
C MET B 28 16.31 -7.11 -13.93
N PRO B 29 16.51 -6.43 -15.06
CA PRO B 29 17.36 -6.88 -16.18
C PRO B 29 18.83 -7.05 -15.80
N GLU B 30 19.34 -6.18 -14.94
CA GLU B 30 20.73 -6.27 -14.54
C GLU B 30 20.84 -6.42 -13.03
N PRO B 31 21.88 -7.13 -12.57
CA PRO B 31 22.19 -7.24 -11.15
C PRO B 31 22.38 -5.85 -10.56
N LYS B 32 22.44 -5.75 -9.23
CA LYS B 32 22.56 -4.45 -8.61
C LYS B 32 23.49 -4.46 -7.40
N LYS B 33 24.37 -3.48 -7.33
CA LYS B 33 25.26 -3.34 -6.19
C LYS B 33 24.52 -2.58 -5.10
N VAL B 34 24.62 -3.06 -3.87
CA VAL B 34 23.97 -2.42 -2.73
C VAL B 34 24.91 -2.50 -1.55
N PHE B 35 24.70 -1.66 -0.55
CA PHE B 35 25.40 -1.88 0.70
C PHE B 35 24.55 -2.79 1.59
N CYS B 36 25.21 -3.75 2.23
CA CYS B 36 24.55 -4.69 3.12
C CYS B 36 24.97 -4.43 4.54
N ASN B 37 24.01 -4.12 5.42
CA ASN B 37 24.33 -3.99 6.84
C ASN B 37 24.03 -5.30 7.56
N MET B 38 25.09 -5.94 8.04
CA MET B 38 24.97 -7.26 8.64
C MET B 38 25.16 -7.18 10.14
N ASP B 39 25.20 -5.95 10.66
CA ASP B 39 25.51 -5.70 12.06
C ASP B 39 24.26 -5.45 12.91
N VAL B 40 23.41 -4.53 12.47
CA VAL B 40 22.25 -4.14 13.26
C VAL B 40 21.25 -5.28 13.46
N ASN B 41 21.01 -5.64 14.71
CA ASN B 41 19.92 -6.54 15.07
C ASN B 41 19.87 -7.86 14.28
N GLY B 42 21.00 -8.49 14.08
CA GLY B 42 21.02 -9.78 13.41
C GLY B 42 21.36 -9.69 11.93
N GLY B 43 21.57 -8.47 11.45
CA GLY B 43 22.03 -8.23 10.09
C GLY B 43 21.01 -8.52 9.01
N GLY B 44 21.50 -8.71 7.78
CA GLY B 44 20.65 -9.06 6.65
C GLY B 44 19.88 -7.88 6.08
N TRP B 45 20.36 -6.67 6.36
CA TRP B 45 19.68 -5.45 5.91
C TRP B 45 20.20 -4.98 4.56
N THR B 46 19.29 -4.69 3.64
CA THR B 46 19.65 -4.03 2.39
C THR B 46 19.46 -2.51 2.52
N VAL B 47 20.52 -1.75 2.32
CA VAL B 47 20.45 -0.29 2.49
C VAL B 47 19.85 0.35 1.24
N ILE B 48 18.81 1.15 1.43
CA ILE B 48 18.21 1.82 0.29
C ILE B 48 18.55 3.30 0.23
N GLN B 49 19.13 3.84 1.31
CA GLN B 49 19.71 5.19 1.28
C GLN B 49 20.68 5.38 2.42
N HIS B 50 21.70 6.19 2.17
CA HIS B 50 22.68 6.49 3.20
C HIS B 50 23.28 7.86 3.01
N ARG B 51 23.42 8.61 4.12
CA ARG B 51 24.06 9.91 4.10
C ARG B 51 24.90 10.10 5.35
N GLU B 52 25.99 10.85 5.23
CA GLU B 52 26.86 11.08 6.39
C GLU B 52 27.78 12.28 6.29
N ASP B 53 27.93 12.85 5.09
CA ASP B 53 28.90 13.94 4.93
C ASP B 53 28.51 15.04 3.94
N GLY B 54 27.41 14.84 3.22
CA GLY B 54 26.93 15.86 2.29
C GLY B 54 27.64 15.89 0.95
N SER B 55 28.53 14.94 0.71
CA SER B 55 29.29 14.90 -0.53
C SER B 55 28.37 14.72 -1.74
N LEU B 56 27.25 14.03 -1.56
CA LEU B 56 26.36 13.75 -2.67
C LEU B 56 25.15 14.69 -2.72
N ASP B 57 24.91 15.25 -3.90
CA ASP B 57 23.75 16.12 -4.10
C ASP B 57 22.47 15.30 -4.25
N PHE B 58 21.44 15.66 -3.49
CA PHE B 58 20.19 14.93 -3.52
C PHE B 58 19.10 15.71 -4.22
N GLN B 59 19.45 16.85 -4.79
CA GLN B 59 18.46 17.66 -5.51
C GLN B 59 18.20 17.16 -6.92
N ARG B 60 17.57 15.99 -7.04
CA ARG B 60 17.43 15.35 -8.35
C ARG B 60 16.00 15.18 -8.83
N GLY B 61 15.86 14.85 -10.11
CA GLY B 61 14.56 14.69 -10.72
C GLY B 61 14.01 13.28 -10.57
N TRP B 62 12.80 13.08 -11.06
CA TRP B 62 12.10 11.79 -10.98
C TRP B 62 12.93 10.61 -11.46
N LYS B 63 13.53 10.75 -12.64
CA LYS B 63 14.27 9.67 -13.26
C LYS B 63 15.48 9.23 -12.45
N GLU B 64 16.21 10.18 -11.89
CA GLU B 64 17.35 9.80 -11.08
C GLU B 64 16.90 9.16 -9.78
N TYR B 65 15.81 9.69 -9.21
CA TYR B 65 15.24 9.07 -8.01
C TYR B 65 14.71 7.66 -8.30
N LYS B 66 14.24 7.45 -9.53
CA LYS B 66 13.73 6.15 -9.94
C LYS B 66 14.85 5.13 -10.10
N MET B 67 15.94 5.54 -10.74
CA MET B 67 17.01 4.60 -11.10
C MET B 67 18.14 4.56 -10.09
N GLY B 68 18.25 5.58 -9.25
CA GLY B 68 19.24 5.60 -8.20
C GLY B 68 20.42 6.49 -8.55
N PHE B 69 21.17 6.91 -7.53
CA PHE B 69 22.36 7.72 -7.76
C PHE B 69 23.27 7.59 -6.56
N GLY B 70 24.53 7.97 -6.74
CA GLY B 70 25.51 7.82 -5.70
C GLY B 70 26.17 6.46 -5.73
N ASN B 71 27.03 6.22 -4.77
CA ASN B 71 27.87 5.03 -4.75
C ASN B 71 27.70 4.27 -3.44
N PRO B 72 27.27 2.99 -3.54
CA PRO B 72 26.91 2.12 -2.40
C PRO B 72 27.98 2.10 -1.31
N SER B 73 29.20 2.48 -1.66
CA SER B 73 30.28 2.54 -0.68
C SER B 73 30.22 3.84 0.12
N GLY B 74 29.49 4.83 -0.39
CA GLY B 74 29.33 6.08 0.32
C GLY B 74 27.87 6.50 0.47
N GLU B 75 27.60 7.77 0.21
CA GLU B 75 26.23 8.26 0.23
C GLU B 75 25.54 7.81 -1.04
N TYR B 76 24.31 7.32 -0.93
CA TYR B 76 23.54 6.98 -2.11
C TYR B 76 22.03 6.83 -1.90
N TRP B 77 21.32 6.76 -3.01
CA TRP B 77 19.90 6.44 -3.05
C TRP B 77 19.76 5.25 -3.99
N LEU B 78 19.23 4.14 -3.48
CA LEU B 78 19.15 2.92 -4.27
C LEU B 78 18.35 3.10 -5.56
N GLY B 79 17.30 3.91 -5.50
CA GLY B 79 16.40 4.08 -6.62
C GLY B 79 15.05 3.42 -6.42
N ASN B 80 13.98 4.18 -6.66
CA ASN B 80 12.62 3.69 -6.41
C ASN B 80 12.25 2.45 -7.21
N GLU B 81 12.69 2.38 -8.46
CA GLU B 81 12.39 1.23 -9.29
C GLU B 81 12.97 -0.02 -8.62
N PHE B 82 14.16 0.11 -8.05
CA PHE B 82 14.80 -0.98 -7.34
C PHE B 82 14.14 -1.28 -6.00
N ILE B 83 13.82 -0.23 -5.24
CA ILE B 83 13.11 -0.42 -3.97
C ILE B 83 11.78 -1.14 -4.22
N PHE B 84 11.09 -0.72 -5.26
CA PHE B 84 9.84 -1.37 -5.61
C PHE B 84 10.04 -2.85 -5.98
N ALA B 85 11.04 -3.13 -6.81
CA ALA B 85 11.31 -4.49 -7.27
C ALA B 85 11.66 -5.42 -6.12
N ILE B 86 12.55 -4.96 -5.24
CA ILE B 86 12.87 -5.73 -4.04
C ILE B 86 11.65 -5.97 -3.14
N THR B 87 10.92 -4.92 -2.80
CA THR B 87 9.84 -5.04 -1.83
C THR B 87 8.61 -5.71 -2.43
N SER B 88 8.65 -5.97 -3.72
CA SER B 88 7.60 -6.72 -4.39
C SER B 88 7.82 -8.23 -4.32
N GLN B 89 9.02 -8.65 -3.95
CA GLN B 89 9.42 -10.07 -3.99
C GLN B 89 8.86 -10.84 -2.83
N ARG B 90 8.72 -10.14 -1.70
CA ARG B 90 8.14 -10.70 -0.50
C ARG B 90 7.85 -9.56 0.46
N GLN B 91 7.58 -9.88 1.71
CA GLN B 91 7.20 -8.86 2.68
C GLN B 91 8.41 -8.36 3.44
N TYR B 92 8.62 -7.03 3.42
CA TYR B 92 9.79 -6.44 4.06
C TYR B 92 9.43 -5.54 5.23
N MET B 93 10.37 -5.40 6.15
CA MET B 93 10.25 -4.40 7.20
C MET B 93 11.28 -3.31 6.88
N LEU B 94 11.06 -2.11 7.39
CA LEU B 94 11.95 -0.98 7.16
C LEU B 94 12.51 -0.49 8.49
N ARG B 95 13.82 -0.25 8.53
CA ARG B 95 14.46 0.32 9.70
C ARG B 95 15.25 1.54 9.26
N ILE B 96 15.22 2.56 10.09
CA ILE B 96 15.87 3.81 9.77
C ILE B 96 16.79 4.18 10.92
N GLU B 97 18.08 4.28 10.62
CA GLU B 97 19.09 4.65 11.60
C GLU B 97 19.40 6.13 11.49
N LEU B 98 19.39 6.84 12.61
CA LEU B 98 19.57 8.27 12.62
C LEU B 98 20.59 8.67 13.66
N MET B 99 21.38 9.69 13.36
CA MET B 99 22.31 10.27 14.33
C MET B 99 22.27 11.80 14.23
N ASP B 100 22.25 12.46 15.39
CA ASP B 100 22.31 13.91 15.42
C ASP B 100 23.77 14.35 15.47
N TRP B 101 23.99 15.65 15.73
CA TRP B 101 25.35 16.20 15.78
C TRP B 101 25.92 16.22 17.20
N GLU B 102 25.19 15.62 18.14
CA GLU B 102 25.60 15.61 19.54
C GLU B 102 25.92 14.19 20.05
N GLY B 103 26.11 13.25 19.14
CA GLY B 103 26.50 11.90 19.52
C GLY B 103 25.37 10.89 19.73
N ASN B 104 24.12 11.35 19.63
CA ASN B 104 22.99 10.47 19.87
C ASN B 104 22.50 9.74 18.63
N ARG B 105 22.39 8.42 18.74
CA ARG B 105 21.83 7.60 17.67
C ARG B 105 20.43 7.14 18.05
N ALA B 106 19.56 7.05 17.06
CA ALA B 106 18.18 6.60 17.29
C ALA B 106 17.74 5.82 16.07
N TYR B 107 16.61 5.13 16.17
CA TYR B 107 16.09 4.42 15.01
C TYR B 107 14.55 4.46 15.02
N SER B 108 13.97 4.40 13.82
CA SER B 108 12.55 4.13 13.67
C SER B 108 12.45 2.83 12.91
N GLN B 109 11.41 2.05 13.18
CA GLN B 109 11.25 0.75 12.54
C GLN B 109 9.79 0.49 12.23
N TYR B 110 9.54 -0.14 11.09
CA TYR B 110 8.19 -0.37 10.59
C TYR B 110 8.03 -1.85 10.28
N ASP B 111 7.01 -2.48 10.85
CA ASP B 111 6.79 -3.92 10.67
C ASP B 111 6.55 -4.26 9.21
N ARG B 112 5.82 -3.40 8.51
N ARG B 112 5.72 -3.50 8.48
CA ARG B 112 5.52 -3.66 7.09
CA ARG B 112 5.49 -3.74 7.06
C ARG B 112 5.84 -2.45 6.22
C ARG B 112 5.78 -2.50 6.22
N PHE B 113 6.49 -2.69 5.10
CA PHE B 113 6.85 -1.61 4.21
C PHE B 113 6.66 -2.04 2.78
N HIS B 114 5.94 -1.25 2.00
CA HIS B 114 6.21 -1.28 0.57
C HIS B 114 5.79 0.01 -0.11
N ILE B 115 6.06 0.07 -1.41
CA ILE B 115 5.68 1.22 -2.21
C ILE B 115 5.04 0.66 -3.45
N GLY B 116 4.17 1.46 -4.06
CA GLY B 116 3.53 1.11 -5.31
C GLY B 116 4.52 1.18 -6.45
N ASN B 117 4.07 0.81 -7.65
CA ASN B 117 4.89 0.89 -8.84
C ASN B 117 4.97 2.33 -9.34
N GLU B 118 5.72 2.55 -10.41
CA GLU B 118 5.91 3.91 -10.90
C GLU B 118 4.59 4.57 -11.30
N LYS B 119 3.67 3.79 -11.84
CA LYS B 119 2.37 4.33 -12.21
C LYS B 119 1.56 4.72 -10.98
N GLN B 120 1.90 4.15 -9.84
CA GLN B 120 1.29 4.56 -8.58
C GLN B 120 2.18 5.60 -7.87
N ASN B 121 3.09 6.22 -8.62
CA ASN B 121 3.98 7.24 -8.10
C ASN B 121 4.78 6.75 -6.89
N TYR B 122 5.11 5.46 -6.89
CA TYR B 122 5.88 4.87 -5.80
C TYR B 122 5.30 5.20 -4.42
N ARG B 123 3.97 5.21 -4.33
CA ARG B 123 3.27 5.56 -3.10
C ARG B 123 3.70 4.69 -1.93
N LEU B 124 3.89 5.33 -0.79
CA LEU B 124 4.41 4.66 0.38
C LEU B 124 3.28 4.14 1.27
N TYR B 125 3.34 2.88 1.70
N TYR B 125 3.49 2.91 1.76
CA TYR B 125 2.44 2.46 2.78
CA TYR B 125 2.57 2.21 2.65
C TYR B 125 3.23 1.66 3.81
C TYR B 125 3.34 1.62 3.84
N LEU B 126 3.06 2.07 5.06
CA LEU B 126 3.75 1.50 6.21
C LEU B 126 2.75 1.08 7.27
N LYS B 127 3.17 0.19 8.17
CA LYS B 127 2.40 -0.13 9.35
C LYS B 127 3.33 -0.56 10.47
N GLY B 128 3.01 -0.19 11.70
CA GLY B 128 3.68 -0.75 12.85
C GLY B 128 4.98 -0.07 13.20
N HIS B 129 4.88 1.21 13.57
CA HIS B 129 6.07 2.01 13.91
C HIS B 129 6.55 1.81 15.35
N THR B 130 7.83 1.47 15.52
CA THR B 130 8.43 1.41 16.85
C THR B 130 9.78 2.11 16.83
N GLY B 131 10.42 2.25 17.97
CA GLY B 131 11.76 2.80 17.97
C GLY B 131 12.05 3.90 18.97
N THR B 132 13.29 4.39 18.92
CA THR B 132 13.73 5.43 19.84
C THR B 132 13.83 6.80 19.15
N ALA B 133 13.36 6.89 17.91
CA ALA B 133 13.43 8.16 17.15
C ALA B 133 12.07 8.82 17.08
N GLY B 134 11.34 8.76 18.19
CA GLY B 134 10.04 9.40 18.29
C GLY B 134 8.94 8.40 18.56
N LYS B 135 7.99 8.79 19.41
CA LYS B 135 6.85 7.97 19.75
C LYS B 135 5.87 7.85 18.60
N GLN B 136 5.80 8.87 17.76
CA GLN B 136 4.99 8.83 16.53
C GLN B 136 5.95 8.74 15.35
N SER B 137 5.47 8.23 14.22
CA SER B 137 6.28 8.09 13.02
C SER B 137 6.51 9.43 12.29
N SER B 138 7.75 9.75 11.95
CA SER B 138 7.99 10.97 11.20
C SER B 138 7.72 10.78 9.71
N LEU B 139 7.55 9.52 9.30
CA LEU B 139 7.10 9.26 7.95
C LEU B 139 5.60 9.02 7.97
N ILE B 140 4.86 9.71 7.11
CA ILE B 140 3.44 9.41 6.95
C ILE B 140 3.22 7.91 6.66
N LEU B 141 2.33 7.28 7.41
CA LEU B 141 2.05 5.85 7.22
C LEU B 141 0.94 5.73 6.21
N HIS B 142 0.04 6.72 6.28
CA HIS B 142 -1.29 6.62 5.68
C HIS B 142 -1.43 6.85 4.16
N GLY B 143 -0.32 7.04 3.46
CA GLY B 143 -0.42 7.32 2.04
C GLY B 143 0.08 8.66 1.53
N ALA B 144 1.24 8.64 0.89
CA ALA B 144 1.71 9.77 0.11
C ALA B 144 2.49 9.23 -1.08
N ASP B 145 2.28 9.81 -2.25
CA ASP B 145 3.12 9.50 -3.42
C ASP B 145 4.55 9.98 -3.19
N PHE B 146 5.45 9.55 -4.05
CA PHE B 146 6.80 10.10 -4.03
C PHE B 146 6.78 11.37 -4.90
N SER B 147 7.51 12.40 -4.48
CA SER B 147 7.54 13.66 -5.21
C SER B 147 8.95 14.15 -5.40
N THR B 148 9.18 14.85 -6.50
CA THR B 148 10.46 15.46 -6.83
C THR B 148 10.20 16.82 -7.45
N LYS B 149 11.26 17.60 -7.66
CA LYS B 149 11.13 18.95 -8.22
C LYS B 149 10.36 18.95 -9.56
N ASP B 150 10.41 17.84 -10.28
CA ASP B 150 9.73 17.76 -11.57
C ASP B 150 8.52 16.84 -11.54
N ALA B 151 8.09 16.42 -10.35
CA ALA B 151 6.91 15.57 -10.21
C ALA B 151 6.17 15.91 -8.93
N ASP B 152 5.12 16.69 -9.07
CA ASP B 152 4.43 17.28 -7.94
C ASP B 152 3.29 16.38 -7.53
N ASN B 153 3.61 15.34 -6.76
CA ASN B 153 2.63 14.33 -6.41
C ASN B 153 2.18 14.37 -4.95
N ASP B 154 2.55 15.43 -4.24
CA ASP B 154 2.31 15.46 -2.80
C ASP B 154 0.87 15.79 -2.46
N ASN B 155 0.55 15.82 -1.17
CA ASN B 155 -0.80 16.09 -0.69
C ASN B 155 -1.01 17.57 -0.38
N CYS B 156 -0.16 18.41 -0.95
CA CYS B 156 -0.16 19.84 -0.67
C CYS B 156 -0.65 20.62 -1.88
N MET B 157 -1.20 21.80 -1.63
CA MET B 157 -1.44 22.74 -2.71
C MET B 157 -0.09 23.35 -3.15
N CYS B 158 0.82 23.45 -2.18
CA CYS B 158 2.17 23.93 -2.43
C CYS B 158 3.02 22.86 -3.15
N LYS B 159 4.28 23.16 -3.39
CA LYS B 159 5.19 22.18 -3.99
C LYS B 159 6.32 21.80 -3.03
N CYS B 160 6.11 20.72 -2.29
CA CYS B 160 6.98 20.36 -1.18
C CYS B 160 8.43 20.13 -1.61
N ALA B 161 8.62 19.53 -2.78
CA ALA B 161 9.98 19.26 -3.26
C ALA B 161 10.71 20.56 -3.56
N LEU B 162 9.99 21.53 -4.10
CA LEU B 162 10.60 22.83 -4.35
C LEU B 162 10.94 23.52 -3.03
N MET B 163 10.04 23.45 -2.06
CA MET B 163 10.27 24.08 -0.77
C MET B 163 11.36 23.41 0.06
N LEU B 164 11.35 22.07 0.10
CA LEU B 164 12.23 21.36 1.03
C LEU B 164 13.44 20.73 0.35
N THR B 165 13.41 20.66 -0.98
CA THR B 165 14.42 19.99 -1.82
C THR B 165 14.39 18.46 -1.71
N GLY B 166 14.92 17.80 -2.74
CA GLY B 166 15.07 16.36 -2.75
C GLY B 166 13.87 15.61 -3.28
N GLY B 167 13.84 14.31 -3.02
CA GLY B 167 12.73 13.46 -3.40
C GLY B 167 12.31 12.75 -2.14
N TRP B 168 11.00 12.70 -1.88
CA TRP B 168 10.49 12.13 -0.64
C TRP B 168 9.02 11.83 -0.79
N TRP B 169 8.47 11.08 0.17
CA TRP B 169 7.04 10.89 0.27
C TRP B 169 6.47 12.05 1.07
N PHE B 170 6.45 13.24 0.46
CA PHE B 170 5.98 14.42 1.16
C PHE B 170 4.48 14.35 1.36
N ASP B 171 4.02 14.83 2.50
CA ASP B 171 2.59 14.97 2.76
C ASP B 171 2.19 16.41 2.42
N ALA B 172 2.11 17.28 3.42
CA ALA B 172 1.88 18.70 3.17
C ALA B 172 2.56 19.63 4.18
N CYS B 173 3.87 19.50 4.38
CA CYS B 173 4.71 18.58 3.63
C CYS B 173 5.12 17.35 4.47
N GLY B 174 4.69 17.30 5.73
CA GLY B 174 4.89 16.12 6.55
C GLY B 174 6.07 16.22 7.49
N PRO B 175 6.24 15.21 8.36
CA PRO B 175 7.22 15.33 9.45
C PRO B 175 8.61 14.77 9.13
N SER B 176 8.99 14.65 7.87
CA SER B 176 10.32 14.17 7.56
C SER B 176 10.83 14.54 6.17
N ASN B 177 12.14 14.47 6.01
CA ASN B 177 12.78 14.45 4.70
C ASN B 177 14.24 14.07 4.82
N LEU B 178 14.54 12.78 4.73
CA LEU B 178 15.92 12.36 4.89
C LEU B 178 16.76 12.67 3.65
N ASN B 179 16.10 13.10 2.58
CA ASN B 179 16.77 13.51 1.33
C ASN B 179 16.85 15.04 1.10
N GLY B 180 16.81 15.81 2.19
CA GLY B 180 16.90 17.26 2.12
C GLY B 180 18.35 17.74 2.09
N MET B 181 18.56 19.03 2.33
CA MET B 181 19.90 19.62 2.27
C MET B 181 20.75 19.15 3.43
N PHE B 182 21.94 18.65 3.14
CA PHE B 182 22.89 18.33 4.20
C PHE B 182 23.53 19.62 4.70
N TYR B 183 23.41 19.86 6.01
CA TYR B 183 24.03 20.99 6.67
C TYR B 183 25.06 20.52 7.69
N THR B 184 26.28 21.03 7.58
CA THR B 184 27.30 20.75 8.57
C THR B 184 26.89 21.33 9.91
N ALA B 185 26.37 22.55 9.88
CA ALA B 185 25.84 23.18 11.09
C ALA B 185 24.36 22.83 11.24
N GLY B 186 24.09 21.54 11.39
CA GLY B 186 22.73 21.06 11.57
C GLY B 186 22.09 21.51 12.87
N GLN B 187 22.89 21.53 13.93
CA GLN B 187 22.37 21.61 15.31
C GLN B 187 21.69 22.94 15.66
N ASN B 188 22.48 24.00 15.73
CA ASN B 188 21.98 25.29 16.18
C ASN B 188 21.60 26.22 15.03
N HIS B 189 21.80 25.75 13.80
CA HIS B 189 21.50 26.60 12.66
C HIS B 189 20.65 25.93 11.58
N GLY B 190 20.15 26.77 10.68
CA GLY B 190 19.14 26.38 9.73
C GLY B 190 19.50 25.17 8.90
N LYS B 191 18.50 24.71 8.15
CA LYS B 191 17.23 25.42 8.15
C LYS B 191 16.07 24.46 8.26
N LEU B 192 15.03 24.77 7.52
CA LEU B 192 13.83 23.98 7.47
C LEU B 192 13.82 23.06 6.25
N ASN B 193 14.82 23.23 5.39
CA ASN B 193 14.97 22.33 4.25
C ASN B 193 16.11 21.32 4.42
N GLY B 194 16.50 21.05 5.67
CA GLY B 194 17.55 20.08 5.90
C GLY B 194 17.06 18.63 5.99
N ILE B 195 17.85 17.81 6.67
CA ILE B 195 17.62 16.39 6.79
C ILE B 195 16.90 16.18 8.11
N LYS B 196 15.57 16.06 8.03
CA LYS B 196 14.74 16.19 9.22
C LYS B 196 13.88 14.98 9.53
N TRP B 197 13.61 14.80 10.82
CA TRP B 197 12.81 13.71 11.35
C TRP B 197 12.14 14.32 12.58
N HIS B 198 10.94 14.87 12.39
CA HIS B 198 10.36 15.77 13.40
C HIS B 198 10.25 15.23 14.82
N TYR B 199 9.89 13.96 14.96
CA TYR B 199 9.60 13.41 16.28
C TYR B 199 10.85 12.99 17.01
N PHE B 200 11.99 13.09 16.33
CA PHE B 200 13.27 12.82 16.97
C PHE B 200 13.87 14.14 17.42
N LYS B 201 14.22 15.01 16.47
CA LYS B 201 14.94 16.24 16.78
C LYS B 201 14.19 17.52 16.43
N GLY B 202 13.04 17.39 15.79
CA GLY B 202 12.28 18.58 15.40
C GLY B 202 12.44 18.99 13.94
N PRO B 203 11.61 19.93 13.49
CA PRO B 203 11.58 20.39 12.10
C PRO B 203 12.75 21.28 11.70
N SER B 204 13.49 21.87 12.64
CA SER B 204 14.57 22.80 12.29
C SER B 204 15.95 22.22 12.47
N TYR B 205 16.02 20.98 12.92
CA TYR B 205 17.31 20.31 13.16
C TYR B 205 17.70 19.43 11.98
N SER B 206 18.87 19.67 11.41
CA SER B 206 19.36 18.86 10.30
C SER B 206 20.33 17.81 10.82
N LEU B 207 20.04 16.54 10.50
CA LEU B 207 20.72 15.40 11.10
C LEU B 207 22.10 15.16 10.50
N ARG B 208 22.93 14.41 11.23
CA ARG B 208 24.31 14.15 10.85
C ARG B 208 24.47 12.96 9.91
N SER B 209 23.73 11.88 10.17
CA SER B 209 23.75 10.73 9.27
C SER B 209 22.42 9.98 9.28
N THR B 210 22.13 9.34 8.15
CA THR B 210 20.92 8.57 8.00
C THR B 210 21.21 7.28 7.25
N THR B 211 20.54 6.20 7.64
CA THR B 211 20.53 4.97 6.84
C THR B 211 19.13 4.36 6.80
N MET B 212 18.56 4.23 5.62
CA MET B 212 17.31 3.49 5.45
C MET B 212 17.61 2.10 4.90
N MET B 213 17.13 1.08 5.59
CA MET B 213 17.47 -0.27 5.20
C MET B 213 16.29 -1.20 5.43
N ILE B 214 16.26 -2.28 4.65
CA ILE B 214 15.09 -3.17 4.64
C ILE B 214 15.50 -4.65 4.76
N ARG B 215 14.59 -5.47 5.25
CA ARG B 215 14.80 -6.91 5.29
C ARG B 215 13.48 -7.66 5.44
N PRO B 216 13.46 -8.92 5.02
CA PRO B 216 12.24 -9.74 5.05
C PRO B 216 11.73 -9.92 6.47
N LEU B 217 10.41 -10.02 6.63
CA LEU B 217 9.80 -10.33 7.92
C LEU B 217 10.41 -11.54 8.64
N ASP B 218 10.84 -12.54 7.86
CA ASP B 218 11.40 -13.79 8.38
C ASP B 218 10.27 -14.80 8.64
CA CA C . -4.72 -15.52 12.43
CA CA D . 1.77 19.99 -4.26
#